data_7O5U
#
_entry.id   7O5U
#
_cell.length_a   82.595
_cell.length_b   112.491
_cell.length_c   62.688
_cell.angle_alpha   90.000
_cell.angle_beta   90.000
_cell.angle_gamma   90.000
#
_symmetry.space_group_name_H-M   'C 2 2 21'
#
loop_
_entity.id
_entity.type
_entity.pdbx_description
1 polymer '14-3-3 protein sigma'
2 polymer 'Transcription factor p65'
3 non-polymer 'CHLORIDE ION'
4 non-polymer 4-methanoyl-~{N}-[(1-methylimidazol-2-yl)methyl]benzamide
5 non-polymer 'CALCIUM ION'
6 water water
#
loop_
_entity_poly.entity_id
_entity_poly.type
_entity_poly.pdbx_seq_one_letter_code
_entity_poly.pdbx_strand_id
1 'polypeptide(L)'
;GAMGSMERASLIQKAKLAEQAERYEDMAAFMKGAVEKGEELS(CSO)EERNLLSVAYKNVVGGQRAAWRVLSSIEQKSNE
EGSEEKGPEVREYREKVETELQGVCDTVLGLLDSHLIKEAGDAESRVFYLKMKGDYYRYLAEVATGDDKKRIIDSARSAY
QEAMDISKKEMPPTNPIRLGLALNFSVFHYEIANSPEEAISLAKTTFDEAMADLHTLSEDSYKDSTLIMQLLRDNLTLWT
;
A
2 'polypeptide(L)' EGRSAG(SEP)IPGRRS P
#
loop_
_chem_comp.id
_chem_comp.type
_chem_comp.name
_chem_comp.formula
CA non-polymer 'CALCIUM ION' 'Ca 2'
CL non-polymer 'CHLORIDE ION' 'Cl -1'
V3T non-polymer 4-methanoyl-~{N}-[(1-methylimidazol-2-yl)methyl]benzamide 'C13 H13 N3 O2'
#
# COMPACT_ATOMS: atom_id res chain seq x y z
N MET A 3 12.87 -18.59 -6.96
CA MET A 3 13.63 -18.82 -5.73
C MET A 3 13.26 -20.16 -5.12
N GLY A 4 12.79 -21.07 -5.99
CA GLY A 4 12.29 -22.35 -5.50
C GLY A 4 13.32 -23.20 -4.80
N SER A 5 14.61 -23.02 -5.14
N SER A 5 14.60 -23.02 -5.14
CA SER A 5 15.65 -23.86 -4.56
CA SER A 5 15.67 -23.83 -4.58
C SER A 5 16.23 -23.29 -3.26
C SER A 5 16.18 -23.32 -3.24
N MET A 6 15.81 -22.11 -2.83
CA MET A 6 16.31 -21.52 -1.60
C MET A 6 15.35 -21.75 -0.43
N GLU A 7 15.93 -22.03 0.74
CA GLU A 7 15.14 -22.22 1.96
C GLU A 7 14.31 -20.98 2.28
N ARG A 8 13.11 -21.19 2.82
CA ARG A 8 12.27 -20.07 3.22
C ARG A 8 13.00 -19.17 4.21
N ALA A 9 13.65 -19.76 5.21
CA ALA A 9 14.33 -18.94 6.21
C ALA A 9 15.48 -18.13 5.59
N SER A 10 16.18 -18.72 4.61
CA SER A 10 17.25 -17.99 3.93
C SER A 10 16.69 -16.84 3.10
N LEU A 11 15.56 -17.05 2.44
CA LEU A 11 14.90 -15.97 1.71
C LEU A 11 14.55 -14.80 2.64
N ILE A 12 14.01 -15.12 3.82
CA ILE A 12 13.66 -14.07 4.78
C ILE A 12 14.92 -13.35 5.26
N GLN A 13 15.97 -14.11 5.58
CA GLN A 13 17.21 -13.50 6.03
C GLN A 13 17.81 -12.59 4.96
N LYS A 14 17.80 -13.04 3.71
CA LYS A 14 18.36 -12.22 2.63
C LYS A 14 17.47 -11.01 2.34
N ALA A 15 16.16 -11.13 2.51
CA ALA A 15 15.30 -9.95 2.38
C ALA A 15 15.69 -8.87 3.39
N LYS A 16 16.00 -9.27 4.62
CA LYS A 16 16.44 -8.30 5.62
C LYS A 16 17.79 -7.69 5.24
N LEU A 17 18.70 -8.51 4.73
CA LEU A 17 19.98 -7.99 4.27
C LEU A 17 19.79 -7.01 3.10
N ALA A 18 18.90 -7.33 2.17
CA ALA A 18 18.68 -6.46 1.02
C ALA A 18 18.09 -5.12 1.46
N GLU A 19 17.23 -5.12 2.48
CA GLU A 19 16.73 -3.85 3.00
C GLU A 19 17.87 -3.01 3.58
N GLN A 20 18.78 -3.64 4.32
CA GLN A 20 19.92 -2.89 4.86
C GLN A 20 20.79 -2.32 3.76
N ALA A 21 20.91 -3.03 2.64
CA ALA A 21 21.72 -2.59 1.51
C ALA A 21 20.94 -1.71 0.56
N GLU A 22 19.67 -1.42 0.85
CA GLU A 22 18.79 -0.64 -0.01
C GLU A 22 18.71 -1.24 -1.42
N ARG A 23 18.65 -2.56 -1.49
CA ARG A 23 18.48 -3.31 -2.73
C ARG A 23 17.06 -3.84 -2.75
N TYR A 24 16.12 -2.95 -3.07
CA TYR A 24 14.71 -3.27 -2.88
C TYR A 24 14.15 -4.20 -3.94
N GLU A 25 14.71 -4.17 -5.16
N GLU A 25 14.71 -4.18 -5.17
CA GLU A 25 14.33 -5.16 -6.16
CA GLU A 25 14.33 -5.16 -6.16
C GLU A 25 14.68 -6.57 -5.70
C GLU A 25 14.68 -6.57 -5.70
N ASP A 26 15.89 -6.75 -5.18
CA ASP A 26 16.27 -8.04 -4.58
C ASP A 26 15.35 -8.39 -3.43
N MET A 27 15.08 -7.42 -2.56
CA MET A 27 14.24 -7.68 -1.40
C MET A 27 12.86 -8.18 -1.82
N ALA A 28 12.29 -7.56 -2.86
CA ALA A 28 10.98 -7.99 -3.35
C ALA A 28 11.04 -9.39 -3.93
N ALA A 29 12.09 -9.69 -4.69
CA ALA A 29 12.23 -11.04 -5.25
C ALA A 29 12.37 -12.08 -4.15
N PHE A 30 13.14 -11.75 -3.10
CA PHE A 30 13.29 -12.68 -1.99
C PHE A 30 11.95 -12.91 -1.29
N MET A 31 11.19 -11.84 -1.03
CA MET A 31 9.92 -12.02 -0.35
C MET A 31 8.87 -12.67 -1.25
N LYS A 32 8.91 -12.41 -2.56
CA LYS A 32 8.05 -13.17 -3.47
C LYS A 32 8.35 -14.66 -3.36
N GLY A 33 9.64 -15.02 -3.35
CA GLY A 33 10.00 -16.42 -3.15
C GLY A 33 9.49 -16.98 -1.85
N ALA A 34 9.57 -16.20 -0.77
CA ALA A 34 9.07 -16.66 0.52
C ALA A 34 7.57 -16.90 0.50
N VAL A 35 6.81 -15.99 -0.11
CA VAL A 35 5.37 -16.17 -0.22
C VAL A 35 5.06 -17.45 -0.98
N GLU A 36 5.77 -17.69 -2.08
CA GLU A 36 5.48 -18.85 -2.92
C GLU A 36 5.87 -20.16 -2.27
N LYS A 37 6.52 -20.13 -1.10
CA LYS A 37 6.70 -21.36 -0.33
C LYS A 37 5.36 -21.91 0.17
N GLY A 38 4.32 -21.09 0.18
CA GLY A 38 2.98 -21.56 0.47
C GLY A 38 2.55 -21.43 1.92
N GLU A 39 3.47 -21.10 2.83
N GLU A 39 3.46 -21.08 2.83
CA GLU A 39 3.11 -20.91 4.23
CA GLU A 39 3.13 -20.92 4.23
C GLU A 39 2.61 -19.49 4.46
C GLU A 39 2.68 -19.48 4.51
N GLU A 40 1.79 -19.33 5.49
CA GLU A 40 1.34 -18.00 5.87
C GLU A 40 2.54 -17.17 6.37
N LEU A 41 2.37 -15.86 6.38
CA LEU A 41 3.42 -14.94 6.77
C LEU A 41 3.20 -14.41 8.18
N SER A 42 4.28 -14.29 8.94
CA SER A 42 4.21 -13.68 10.26
C SER A 42 4.05 -12.16 10.10
N CSO A 43 3.84 -11.47 11.22
N CSO A 43 3.81 -11.48 11.22
CA CSO A 43 3.63 -10.03 11.17
CA CSO A 43 3.64 -10.03 11.22
CB CSO A 43 3.21 -9.51 12.55
CB CSO A 43 3.39 -9.54 12.65
SG CSO A 43 3.52 -7.73 12.70
SG CSO A 43 3.26 -7.74 12.72
C CSO A 43 4.87 -9.30 10.67
C CSO A 43 4.88 -9.36 10.62
O CSO A 43 4.77 -8.37 9.86
O CSO A 43 4.78 -8.54 9.71
OD CSO A 43 2.00 -6.83 12.57
OD CSO A 43 4.85 -7.03 13.10
N GLU A 44 6.05 -9.74 11.13
CA GLU A 44 7.31 -9.19 10.62
C GLU A 44 7.50 -9.50 9.14
N GLU A 45 7.16 -10.72 8.73
CA GLU A 45 7.31 -11.10 7.33
C GLU A 45 6.37 -10.32 6.42
N ARG A 46 5.14 -10.07 6.88
CA ARG A 46 4.23 -9.22 6.11
C ARG A 46 4.82 -7.83 5.90
N ASN A 47 5.45 -7.27 6.94
CA ASN A 47 6.06 -5.96 6.82
C ASN A 47 7.18 -5.97 5.79
N LEU A 48 7.99 -7.02 5.77
CA LEU A 48 9.08 -7.11 4.79
C LEU A 48 8.53 -7.16 3.38
N LEU A 49 7.47 -7.95 3.16
CA LEU A 49 6.85 -7.99 1.85
C LEU A 49 6.36 -6.61 1.42
N SER A 50 5.67 -5.91 2.33
CA SER A 50 5.11 -4.61 2.02
C SER A 50 6.21 -3.57 1.77
N VAL A 51 7.23 -3.55 2.63
CA VAL A 51 8.30 -2.56 2.46
C VAL A 51 9.01 -2.76 1.13
N ALA A 52 9.26 -4.01 0.76
CA ALA A 52 10.00 -4.29 -0.47
C ALA A 52 9.26 -3.75 -1.69
N TYR A 53 7.99 -4.11 -1.83
CA TYR A 53 7.26 -3.73 -3.03
C TYR A 53 6.88 -2.25 -3.01
N LYS A 54 6.72 -1.66 -1.82
CA LYS A 54 6.41 -0.24 -1.77
C LYS A 54 7.58 0.57 -2.30
N ASN A 55 8.81 0.13 -2.01
CA ASN A 55 9.98 0.84 -2.53
C ASN A 55 10.11 0.65 -4.03
N VAL A 56 9.91 -0.58 -4.53
CA VAL A 56 10.02 -0.83 -5.96
C VAL A 56 9.00 -0.02 -6.73
N VAL A 57 7.73 -0.13 -6.34
CA VAL A 57 6.68 0.60 -7.03
C VAL A 57 6.83 2.10 -6.80
N GLY A 58 7.39 2.50 -5.66
CA GLY A 58 7.58 3.92 -5.40
C GLY A 58 8.55 4.55 -6.38
N GLY A 59 9.64 3.84 -6.69
CA GLY A 59 10.55 4.34 -7.72
C GLY A 59 9.90 4.41 -9.09
N GLN A 60 9.07 3.42 -9.41
CA GLN A 60 8.39 3.44 -10.71
C GLN A 60 7.36 4.55 -10.79
N ARG A 61 6.61 4.78 -9.70
CA ARG A 61 5.62 5.86 -9.70
C ARG A 61 6.29 7.22 -9.86
N ALA A 62 7.40 7.43 -9.15
CA ALA A 62 8.12 8.70 -9.26
C ALA A 62 8.61 8.92 -10.69
N ALA A 63 9.16 7.88 -11.32
CA ALA A 63 9.62 8.01 -12.70
C ALA A 63 8.46 8.27 -13.66
N TRP A 64 7.34 7.55 -13.47
CA TRP A 64 6.19 7.77 -14.33
C TRP A 64 5.69 9.20 -14.24
N ARG A 65 5.67 9.79 -13.04
CA ARG A 65 5.20 11.16 -12.90
C ARG A 65 6.13 12.14 -13.59
N VAL A 66 7.44 11.92 -13.48
CA VAL A 66 8.39 12.77 -14.18
C VAL A 66 8.15 12.71 -15.69
N LEU A 67 8.02 11.49 -16.22
CA LEU A 67 7.87 11.33 -17.67
C LEU A 67 6.50 11.80 -18.15
N SER A 68 5.44 11.53 -17.37
N SER A 68 5.44 11.54 -17.39
CA SER A 68 4.11 12.02 -17.76
CA SER A 68 4.13 12.02 -17.79
C SER A 68 4.08 13.53 -17.81
C SER A 68 4.07 13.54 -17.81
N SER A 69 4.77 14.19 -16.87
CA SER A 69 4.82 15.65 -16.88
C SER A 69 5.55 16.17 -18.11
N ILE A 70 6.68 15.55 -18.47
CA ILE A 70 7.39 15.94 -19.68
C ILE A 70 6.51 15.70 -20.90
N GLU A 71 5.76 14.60 -20.91
CA GLU A 71 4.92 14.27 -22.05
C GLU A 71 3.81 15.31 -22.23
N GLN A 72 3.21 15.76 -21.13
CA GLN A 72 2.16 16.76 -21.23
C GLN A 72 2.70 18.10 -21.68
N LYS A 73 3.92 18.46 -21.27
CA LYS A 73 4.51 19.70 -21.75
C LYS A 73 4.79 19.66 -23.24
N SER A 74 5.09 18.48 -23.79
CA SER A 74 5.36 18.38 -25.21
C SER A 74 4.06 18.47 -26.03
N ASN A 75 2.94 18.10 -25.45
CA ASN A 75 1.66 18.15 -26.15
C ASN A 75 0.89 19.41 -25.79
N GLY A 83 9.19 13.99 -31.04
CA GLY A 83 8.97 12.66 -31.57
C GLY A 83 8.23 11.76 -30.61
N PRO A 84 8.19 10.46 -30.90
CA PRO A 84 7.46 9.53 -30.04
C PRO A 84 8.25 9.06 -28.82
N GLU A 85 9.46 9.56 -28.59
CA GLU A 85 10.34 8.97 -27.58
C GLU A 85 9.76 9.13 -26.17
N VAL A 86 9.27 10.32 -25.83
CA VAL A 86 8.79 10.55 -24.46
C VAL A 86 7.59 9.66 -24.17
N ARG A 87 6.64 9.61 -25.11
CA ARG A 87 5.50 8.71 -24.94
C ARG A 87 5.95 7.26 -24.86
N GLU A 88 6.86 6.85 -25.76
CA GLU A 88 7.32 5.47 -25.76
C GLU A 88 7.95 5.10 -24.43
N TYR A 89 8.78 5.99 -23.88
CA TYR A 89 9.48 5.67 -22.65
C TYR A 89 8.54 5.72 -21.45
N ARG A 90 7.60 6.67 -21.45
CA ARG A 90 6.56 6.65 -20.41
C ARG A 90 5.76 5.36 -20.46
N GLU A 91 5.42 4.89 -21.66
CA GLU A 91 4.69 3.64 -21.79
C GLU A 91 5.49 2.46 -21.25
N LYS A 92 6.81 2.46 -21.48
CA LYS A 92 7.65 1.36 -20.99
C LYS A 92 7.66 1.33 -19.46
N VAL A 93 7.89 2.48 -18.84
CA VAL A 93 7.86 2.57 -17.38
C VAL A 93 6.48 2.19 -16.86
N GLU A 94 5.43 2.68 -17.52
CA GLU A 94 4.06 2.35 -17.11
C GLU A 94 3.80 0.85 -17.17
N THR A 95 4.28 0.18 -18.22
CA THR A 95 4.08 -1.26 -18.34
C THR A 95 4.82 -2.01 -17.24
N GLU A 96 6.03 -1.56 -16.89
N GLU A 96 6.04 -1.58 -16.93
CA GLU A 96 6.77 -2.20 -15.81
CA GLU A 96 6.81 -2.22 -15.86
C GLU A 96 6.07 -2.01 -14.48
C GLU A 96 6.14 -1.99 -14.51
N LEU A 97 5.57 -0.80 -14.23
N LEU A 97 5.61 -0.78 -14.31
CA LEU A 97 4.80 -0.52 -13.02
CA LEU A 97 4.81 -0.47 -13.13
C LEU A 97 3.58 -1.44 -12.93
C LEU A 97 3.64 -1.44 -12.98
N GLN A 98 2.83 -1.55 -14.03
CA GLN A 98 1.66 -2.43 -14.01
C GLN A 98 2.05 -3.88 -13.77
N GLY A 99 3.20 -4.31 -14.27
CA GLY A 99 3.63 -5.67 -14.02
C GLY A 99 3.91 -5.92 -12.55
N VAL A 100 4.55 -4.96 -11.88
CA VAL A 100 4.82 -5.09 -10.45
C VAL A 100 3.50 -5.14 -9.66
N CYS A 101 2.57 -4.23 -9.99
CA CYS A 101 1.28 -4.24 -9.30
C CYS A 101 0.56 -5.58 -9.52
N ASP A 102 0.57 -6.08 -10.75
CA ASP A 102 -0.07 -7.36 -11.03
C ASP A 102 0.59 -8.49 -10.26
N THR A 103 1.91 -8.43 -10.09
CA THR A 103 2.61 -9.46 -9.34
C THR A 103 2.18 -9.46 -7.87
N VAL A 104 2.10 -8.27 -7.27
CA VAL A 104 1.67 -8.18 -5.88
C VAL A 104 0.23 -8.66 -5.73
N LEU A 105 -0.65 -8.19 -6.61
CA LEU A 105 -2.04 -8.60 -6.54
C LEU A 105 -2.17 -10.11 -6.73
N GLY A 106 -1.32 -10.69 -7.58
CA GLY A 106 -1.34 -12.13 -7.76
C GLY A 106 -0.92 -12.88 -6.51
N LEU A 107 0.05 -12.34 -5.77
CA LEU A 107 0.46 -12.95 -4.51
C LEU A 107 -0.65 -12.88 -3.48
N LEU A 108 -1.33 -11.74 -3.40
CA LEU A 108 -2.45 -11.62 -2.46
C LEU A 108 -3.56 -12.60 -2.82
N ASP A 109 -3.83 -12.78 -4.11
CA ASP A 109 -4.89 -13.66 -4.56
C ASP A 109 -4.50 -15.14 -4.54
N SER A 110 -3.19 -15.45 -4.52
CA SER A 110 -2.71 -16.82 -4.60
C SER A 110 -1.51 -17.01 -3.66
N HIS A 111 -1.78 -17.21 -2.37
CA HIS A 111 -3.12 -17.34 -1.81
C HIS A 111 -3.18 -16.65 -0.43
N LEU A 112 -2.53 -15.49 -0.32
CA LEU A 112 -2.36 -14.86 0.99
C LEU A 112 -3.69 -14.49 1.62
N ILE A 113 -4.59 -13.88 0.85
CA ILE A 113 -5.81 -13.35 1.43
C ILE A 113 -6.73 -14.48 1.89
N LYS A 114 -6.91 -15.50 1.05
CA LYS A 114 -7.86 -16.56 1.41
C LYS A 114 -7.39 -17.36 2.62
N GLU A 115 -6.10 -17.40 2.89
CA GLU A 115 -5.64 -18.08 4.10
C GLU A 115 -5.46 -17.15 5.29
N ALA A 116 -5.83 -15.87 5.17
CA ALA A 116 -5.67 -14.92 6.26
C ALA A 116 -6.95 -14.85 7.07
N GLY A 117 -6.92 -15.40 8.28
CA GLY A 117 -8.11 -15.46 9.12
C GLY A 117 -8.13 -14.45 10.25
N ASP A 118 -6.96 -14.10 10.78
CA ASP A 118 -6.89 -13.11 11.84
C ASP A 118 -7.10 -11.72 11.27
N ALA A 119 -7.65 -10.84 12.10
CA ALA A 119 -7.91 -9.47 11.67
C ALA A 119 -6.62 -8.76 11.25
N GLU A 120 -5.54 -8.92 12.02
CA GLU A 120 -4.30 -8.22 11.71
C GLU A 120 -3.75 -8.63 10.34
N SER A 121 -3.85 -9.90 9.99
CA SER A 121 -3.35 -10.33 8.69
C SER A 121 -4.31 -10.01 7.57
N ARG A 122 -5.61 -10.24 7.79
CA ARG A 122 -6.57 -10.03 6.71
C ARG A 122 -6.69 -8.55 6.35
N VAL A 123 -6.75 -7.67 7.35
CA VAL A 123 -6.83 -6.24 7.07
C VAL A 123 -5.55 -5.76 6.39
N PHE A 124 -4.40 -6.27 6.83
CA PHE A 124 -3.12 -5.90 6.20
C PHE A 124 -3.13 -6.23 4.71
N TYR A 125 -3.55 -7.45 4.36
CA TYR A 125 -3.51 -7.86 2.96
C TYR A 125 -4.55 -7.11 2.15
N LEU A 126 -5.74 -6.88 2.72
CA LEU A 126 -6.77 -6.19 1.95
C LEU A 126 -6.39 -4.73 1.72
N LYS A 127 -5.75 -4.10 2.71
CA LYS A 127 -5.20 -2.77 2.50
C LYS A 127 -4.18 -2.77 1.37
N MET A 128 -3.28 -3.76 1.36
CA MET A 128 -2.34 -3.91 0.24
C MET A 128 -3.07 -4.01 -1.09
N LYS A 129 -4.12 -4.83 -1.14
CA LYS A 129 -4.90 -4.98 -2.36
C LYS A 129 -5.45 -3.63 -2.82
N GLY A 130 -6.03 -2.87 -1.89
CA GLY A 130 -6.50 -1.54 -2.23
C GLY A 130 -5.39 -0.65 -2.73
N ASP A 131 -4.22 -0.70 -2.07
CA ASP A 131 -3.10 0.16 -2.45
C ASP A 131 -2.64 -0.12 -3.87
N TYR A 132 -2.47 -1.40 -4.22
CA TYR A 132 -1.89 -1.70 -5.53
C TYR A 132 -2.91 -1.55 -6.66
N TYR A 133 -4.20 -1.70 -6.38
CA TYR A 133 -5.19 -1.25 -7.35
C TYR A 133 -5.19 0.27 -7.48
N ARG A 134 -4.95 1.00 -6.37
CA ARG A 134 -4.85 2.45 -6.46
C ARG A 134 -3.68 2.86 -7.35
N TYR A 135 -2.54 2.19 -7.23
CA TYR A 135 -1.41 2.51 -8.09
C TYR A 135 -1.73 2.22 -9.55
N LEU A 136 -2.45 1.13 -9.82
CA LEU A 136 -2.93 0.88 -11.18
C LEU A 136 -3.85 1.99 -11.64
N ALA A 137 -4.73 2.47 -10.75
CA ALA A 137 -5.67 3.53 -11.13
C ALA A 137 -4.95 4.84 -11.45
N GLU A 138 -3.80 5.09 -10.82
CA GLU A 138 -3.08 6.34 -11.05
C GLU A 138 -2.66 6.49 -12.51
N VAL A 139 -2.38 5.37 -13.19
CA VAL A 139 -1.93 5.40 -14.58
C VAL A 139 -2.99 4.92 -15.54
N ALA A 140 -4.18 4.56 -15.06
CA ALA A 140 -5.22 4.02 -15.91
C ALA A 140 -5.96 5.13 -16.65
N THR A 141 -6.37 4.84 -17.88
CA THR A 141 -7.14 5.81 -18.66
C THR A 141 -8.35 5.17 -19.32
N GLY A 142 -8.11 4.10 -20.08
CA GLY A 142 -9.10 3.56 -21.00
C GLY A 142 -10.29 2.83 -20.41
N ASP A 143 -10.62 1.68 -20.98
CA ASP A 143 -11.88 1.02 -20.71
C ASP A 143 -12.00 0.53 -19.27
N ASP A 144 -10.88 0.36 -18.56
CA ASP A 144 -10.89 -0.32 -17.27
C ASP A 144 -10.66 0.59 -16.08
N LYS A 145 -10.41 1.88 -16.29
CA LYS A 145 -10.09 2.75 -15.16
C LYS A 145 -11.19 2.72 -14.10
N LYS A 146 -12.46 2.72 -14.54
CA LYS A 146 -13.55 2.64 -13.58
C LYS A 146 -13.53 1.32 -12.83
N ARG A 147 -13.26 0.21 -13.53
CA ARG A 147 -13.26 -1.08 -12.86
C ARG A 147 -12.08 -1.20 -11.89
N ILE A 148 -10.91 -0.68 -12.27
CA ILE A 148 -9.78 -0.65 -11.33
C ILE A 148 -10.12 0.18 -10.09
N ILE A 149 -10.75 1.34 -10.28
CA ILE A 149 -11.11 2.18 -9.13
C ILE A 149 -12.06 1.43 -8.21
N ASP A 150 -13.04 0.72 -8.79
CA ASP A 150 -13.98 -0.02 -7.94
C ASP A 150 -13.31 -1.20 -7.25
N SER A 151 -12.32 -1.82 -7.90
CA SER A 151 -11.57 -2.89 -7.24
C SER A 151 -10.79 -2.34 -6.05
N ALA A 152 -10.18 -1.16 -6.20
CA ALA A 152 -9.50 -0.55 -5.06
C ALA A 152 -10.49 -0.24 -3.94
N ARG A 153 -11.61 0.40 -4.29
N ARG A 153 -11.60 0.41 -4.30
CA ARG A 153 -12.60 0.77 -3.28
CA ARG A 153 -12.60 0.77 -3.28
C ARG A 153 -13.13 -0.45 -2.56
C ARG A 153 -13.12 -0.46 -2.56
N SER A 154 -13.41 -1.53 -3.30
CA SER A 154 -13.97 -2.72 -2.67
C SER A 154 -13.00 -3.35 -1.68
N ALA A 155 -11.71 -3.40 -2.03
CA ALA A 155 -10.72 -3.96 -1.13
C ALA A 155 -10.57 -3.10 0.12
N TYR A 156 -10.44 -1.79 -0.06
CA TYR A 156 -10.38 -0.87 1.07
C TYR A 156 -11.61 -1.00 1.96
N GLN A 157 -12.79 -1.13 1.35
CA GLN A 157 -14.04 -1.16 2.12
C GLN A 157 -14.13 -2.41 2.98
N GLU A 158 -13.76 -3.58 2.42
N GLU A 158 -13.79 -3.58 2.41
CA GLU A 158 -13.78 -4.79 3.24
CA GLU A 158 -13.75 -4.80 3.22
C GLU A 158 -12.79 -4.68 4.39
C GLU A 158 -12.82 -4.62 4.40
N ALA A 159 -11.61 -4.11 4.13
CA ALA A 159 -10.62 -3.93 5.20
C ALA A 159 -11.15 -2.97 6.27
N MET A 160 -11.77 -1.87 5.85
CA MET A 160 -12.40 -0.95 6.82
C MET A 160 -13.42 -1.68 7.69
N ASP A 161 -14.32 -2.44 7.05
CA ASP A 161 -15.36 -3.12 7.81
C ASP A 161 -14.79 -4.04 8.88
N ILE A 162 -13.75 -4.81 8.53
CA ILE A 162 -13.13 -5.70 9.50
C ILE A 162 -12.43 -4.90 10.59
N SER A 163 -11.69 -3.85 10.21
CA SER A 163 -10.92 -3.10 11.20
C SER A 163 -11.83 -2.39 12.20
N LYS A 164 -12.98 -1.89 11.76
CA LYS A 164 -13.91 -1.29 12.71
C LYS A 164 -14.46 -2.31 13.69
N LYS A 165 -14.68 -3.55 13.25
CA LYS A 165 -15.24 -4.58 14.12
C LYS A 165 -14.19 -5.17 15.05
N GLU A 166 -12.94 -5.31 14.58
CA GLU A 166 -11.98 -6.17 15.25
C GLU A 166 -10.78 -5.44 15.86
N MET A 167 -10.60 -4.16 15.58
CA MET A 167 -9.39 -3.48 16.01
C MET A 167 -9.75 -2.22 16.79
N PRO A 168 -8.94 -1.84 17.76
CA PRO A 168 -9.15 -0.58 18.46
C PRO A 168 -8.84 0.60 17.54
N PRO A 169 -9.40 1.78 17.82
CA PRO A 169 -9.22 2.92 16.89
C PRO A 169 -7.79 3.37 16.75
N THR A 170 -6.89 2.99 17.66
CA THR A 170 -5.50 3.41 17.59
C THR A 170 -4.59 2.39 16.92
N ASN A 171 -5.13 1.25 16.52
CA ASN A 171 -4.30 0.21 15.91
C ASN A 171 -3.59 0.77 14.67
N PRO A 172 -2.26 0.69 14.60
CA PRO A 172 -1.56 1.31 13.47
C PRO A 172 -1.97 0.81 12.09
N ILE A 173 -2.34 -0.46 11.97
CA ILE A 173 -2.85 -0.95 10.69
C ILE A 173 -4.18 -0.30 10.37
N ARG A 174 -5.08 -0.20 11.36
CA ARG A 174 -6.36 0.46 11.12
C ARG A 174 -6.17 1.93 10.75
N LEU A 175 -5.23 2.60 11.42
CA LEU A 175 -4.97 4.01 11.12
C LEU A 175 -4.38 4.19 9.72
N GLY A 176 -3.39 3.36 9.38
CA GLY A 176 -2.79 3.46 8.05
C GLY A 176 -3.75 3.10 6.94
N LEU A 177 -4.63 2.14 7.19
CA LEU A 177 -5.68 1.82 6.22
C LEU A 177 -6.58 3.03 5.99
N ALA A 178 -7.06 3.65 7.07
CA ALA A 178 -7.91 4.82 6.93
C ALA A 178 -7.18 5.96 6.24
N LEU A 179 -5.90 6.16 6.57
CA LEU A 179 -5.11 7.19 5.89
C LEU A 179 -5.10 6.97 4.38
N ASN A 180 -4.77 5.75 3.95
CA ASN A 180 -4.66 5.48 2.51
C ASN A 180 -6.01 5.49 1.82
N PHE A 181 -7.06 4.99 2.50
CA PHE A 181 -8.41 5.08 1.92
C PHE A 181 -8.82 6.53 1.75
N SER A 182 -8.44 7.39 2.71
N SER A 182 -8.42 7.40 2.69
CA SER A 182 -8.70 8.82 2.57
CA SER A 182 -8.73 8.82 2.53
C SER A 182 -7.98 9.40 1.36
C SER A 182 -7.97 9.42 1.36
N VAL A 183 -6.72 8.99 1.15
CA VAL A 183 -5.98 9.45 -0.03
C VAL A 183 -6.63 8.94 -1.30
N PHE A 184 -7.11 7.69 -1.28
CA PHE A 184 -7.88 7.16 -2.40
C PHE A 184 -9.07 8.06 -2.72
N HIS A 185 -9.83 8.44 -1.69
CA HIS A 185 -11.01 9.29 -1.92
C HIS A 185 -10.60 10.61 -2.55
N TYR A 186 -9.52 11.21 -2.06
CA TYR A 186 -9.15 12.56 -2.49
C TYR A 186 -8.52 12.54 -3.88
N GLU A 187 -7.61 11.61 -4.12
CA GLU A 187 -6.76 11.64 -5.30
C GLU A 187 -7.33 10.82 -6.46
N ILE A 188 -8.08 9.78 -6.18
CA ILE A 188 -8.52 8.82 -7.20
C ILE A 188 -10.01 8.95 -7.48
N ALA A 189 -10.82 8.97 -6.42
CA ALA A 189 -12.27 8.90 -6.56
C ALA A 189 -12.94 10.26 -6.70
N ASN A 190 -12.18 11.35 -6.67
CA ASN A 190 -12.73 12.70 -6.79
C ASN A 190 -13.79 12.95 -5.73
N SER A 191 -13.52 12.50 -4.50
CA SER A 191 -14.42 12.66 -3.37
C SER A 191 -13.67 13.33 -2.22
N PRO A 192 -13.26 14.59 -2.38
CA PRO A 192 -12.48 15.22 -1.31
C PRO A 192 -13.24 15.37 -0.01
N GLU A 193 -14.56 15.51 -0.04
CA GLU A 193 -15.31 15.62 1.20
C GLU A 193 -15.30 14.31 1.96
N GLU A 194 -15.43 13.19 1.25
CA GLU A 194 -15.32 11.89 1.91
C GLU A 194 -13.93 11.68 2.48
N ALA A 195 -12.90 12.13 1.75
CA ALA A 195 -11.53 12.04 2.24
C ALA A 195 -11.35 12.81 3.54
N ILE A 196 -11.82 14.06 3.58
CA ILE A 196 -11.68 14.89 4.77
C ILE A 196 -12.47 14.30 5.94
N SER A 197 -13.70 13.86 5.67
N SER A 197 -13.70 13.85 5.66
CA SER A 197 -14.53 13.30 6.73
CA SER A 197 -14.54 13.30 6.72
C SER A 197 -13.90 12.05 7.33
C SER A 197 -13.93 12.05 7.33
N LEU A 198 -13.38 11.16 6.48
CA LEU A 198 -12.75 9.95 6.99
C LEU A 198 -11.52 10.27 7.82
N ALA A 199 -10.67 11.18 7.33
CA ALA A 199 -9.46 11.51 8.06
C ALA A 199 -9.78 12.15 9.41
N LYS A 200 -10.78 13.02 9.43
CA LYS A 200 -11.17 13.70 10.67
C LYS A 200 -11.72 12.73 11.70
N THR A 201 -12.68 11.89 11.29
N THR A 201 -12.67 11.89 11.29
CA THR A 201 -13.28 10.92 12.20
CA THR A 201 -13.26 10.95 12.26
C THR A 201 -12.25 9.91 12.69
C THR A 201 -12.25 9.88 12.70
N THR A 202 -11.34 9.49 11.81
CA THR A 202 -10.28 8.56 12.21
C THR A 202 -9.38 9.18 13.26
N PHE A 203 -8.99 10.44 13.04
CA PHE A 203 -8.12 11.14 13.99
C PHE A 203 -8.80 11.30 15.34
N ASP A 204 -10.04 11.79 15.34
CA ASP A 204 -10.75 12.05 16.59
C ASP A 204 -10.99 10.78 17.38
N GLU A 205 -11.34 9.69 16.71
CA GLU A 205 -11.58 8.45 17.44
C GLU A 205 -10.28 7.85 17.99
N ALA A 206 -9.17 8.04 17.27
CA ALA A 206 -7.88 7.61 17.80
C ALA A 206 -7.47 8.46 19.00
N MET A 207 -7.62 9.78 18.92
CA MET A 207 -7.31 10.66 20.04
C MET A 207 -7.99 10.18 21.32
N ALA A 208 -9.27 9.82 21.23
CA ALA A 208 -10.05 9.42 22.39
C ALA A 208 -9.63 8.06 22.95
N ASP A 209 -8.85 7.28 22.21
CA ASP A 209 -8.40 5.96 22.63
C ASP A 209 -6.95 5.95 23.09
N LEU A 210 -6.24 7.10 22.98
CA LEU A 210 -4.81 7.11 23.29
C LEU A 210 -4.54 6.82 24.76
N HIS A 211 -5.49 7.15 25.64
CA HIS A 211 -5.27 6.95 27.07
C HIS A 211 -5.07 5.49 27.45
N THR A 212 -5.45 4.56 26.58
CA THR A 212 -5.34 3.14 26.88
C THR A 212 -3.98 2.56 26.54
N LEU A 213 -3.09 3.34 25.94
CA LEU A 213 -1.88 2.81 25.32
C LEU A 213 -0.65 2.99 26.20
N SER A 214 0.32 2.09 26.00
CA SER A 214 1.63 2.22 26.59
C SER A 214 2.41 3.34 25.90
N GLU A 215 3.56 3.69 26.49
CA GLU A 215 4.42 4.72 25.93
C GLU A 215 4.83 4.38 24.49
N ASP A 216 5.17 3.11 24.23
CA ASP A 216 5.62 2.75 22.90
C ASP A 216 4.47 2.70 21.90
N SER A 217 3.33 2.15 22.31
CA SER A 217 2.16 2.14 21.44
C SER A 217 1.66 3.56 21.17
N TYR A 218 1.72 4.42 22.17
CA TYR A 218 1.36 5.82 21.99
C TYR A 218 2.19 6.47 20.89
N LYS A 219 3.51 6.21 20.88
CA LYS A 219 4.36 6.78 19.84
C LYS A 219 3.99 6.25 18.47
N ASP A 220 3.69 4.94 18.37
CA ASP A 220 3.32 4.35 17.09
C ASP A 220 2.05 4.97 16.53
N SER A 221 1.03 5.13 17.38
CA SER A 221 -0.26 5.64 16.90
C SER A 221 -0.19 7.14 16.60
N THR A 222 0.45 7.92 17.48
CA THR A 222 0.47 9.36 17.25
C THR A 222 1.26 9.72 16.00
N LEU A 223 2.25 8.89 15.62
CA LEU A 223 2.98 9.16 14.39
C LEU A 223 2.04 9.11 13.18
N ILE A 224 1.16 8.11 13.14
CA ILE A 224 0.25 7.99 12.00
C ILE A 224 -0.85 9.03 12.10
N MET A 225 -1.31 9.37 13.31
CA MET A 225 -2.29 10.44 13.42
C MET A 225 -1.74 11.76 12.91
N GLN A 226 -0.43 12.00 13.06
CA GLN A 226 0.16 13.21 12.52
C GLN A 226 0.05 13.24 10.99
N LEU A 227 0.21 12.08 10.36
CA LEU A 227 0.04 12.01 8.90
C LEU A 227 -1.38 12.35 8.49
N LEU A 228 -2.37 11.86 9.25
CA LEU A 228 -3.75 12.27 9.00
C LEU A 228 -3.92 13.77 9.15
N ARG A 229 -3.31 14.35 10.19
CA ARG A 229 -3.42 15.79 10.40
C ARG A 229 -2.71 16.56 9.29
N ASP A 230 -1.56 16.08 8.83
CA ASP A 230 -0.86 16.73 7.73
C ASP A 230 -1.74 16.82 6.48
N ASN A 231 -2.45 15.73 6.17
CA ASN A 231 -3.34 15.73 5.02
C ASN A 231 -4.50 16.69 5.22
N LEU A 232 -5.12 16.68 6.40
CA LEU A 232 -6.22 17.61 6.67
C LEU A 232 -5.76 19.05 6.52
N THR A 233 -4.55 19.36 6.98
CA THR A 233 -3.99 20.69 6.80
C THR A 233 -3.83 21.04 5.33
N LEU A 234 -3.45 20.06 4.52
CA LEU A 234 -3.28 20.30 3.09
C LEU A 234 -4.63 20.42 2.39
N TRP A 235 -5.66 19.71 2.86
CA TRP A 235 -6.95 19.67 2.18
C TRP A 235 -7.92 20.74 2.64
N THR A 236 -7.63 21.44 3.74
CA THR A 236 -8.56 22.43 4.26
C THR A 236 -7.86 23.77 4.50
N ALA B 5 -0.77 15.09 -1.02
CA ALA B 5 -1.35 14.24 0.02
C ALA B 5 -0.50 13.00 0.25
N GLY B 6 -0.17 12.74 1.51
CA GLY B 6 0.67 11.61 1.85
C GLY B 6 -0.09 10.36 2.25
N SEP B 7 0.17 9.28 1.52
CA SEP B 7 -0.20 7.95 1.98
CB SEP B 7 -0.22 6.96 0.82
OG SEP B 7 1.09 6.88 0.32
C SEP B 7 0.82 7.51 3.02
O SEP B 7 1.77 8.23 3.30
P SEP B 7 1.16 6.12 -1.09
O1P SEP B 7 0.34 6.93 -2.20
O2P SEP B 7 2.72 6.09 -1.46
O3P SEP B 7 0.59 4.62 -0.93
N ILE B 8 0.65 6.30 3.56
CA ILE B 8 1.63 5.72 4.46
C ILE B 8 2.96 5.59 3.71
N PRO B 9 4.04 6.20 4.25
CA PRO B 9 5.36 6.07 3.61
C PRO B 9 5.72 4.62 3.39
N GLY B 10 5.76 3.85 4.46
CA GLY B 10 5.92 2.40 4.40
C GLY B 10 7.14 1.92 3.63
N ARG B 11 8.20 2.72 3.58
CA ARG B 11 9.41 2.37 2.86
C ARG B 11 10.53 1.90 3.78
N ARG B 12 10.31 1.84 5.09
CA ARG B 12 11.31 1.37 6.04
C ARG B 12 10.65 0.44 7.04
N SER B 13 11.28 -0.71 7.27
CA SER B 13 10.71 -1.73 8.13
C SER B 13 11.07 -1.53 9.60
CL CL C . 11.47 2.91 -24.64
C01 V3T D . 3.51 -1.74 12.27
C03 V3T D . 3.53 -1.79 14.71
C04 V3T D . 3.58 -0.91 15.75
C06 V3T D . 3.63 0.20 13.89
C07 V3T D . 3.69 1.41 12.94
C09 V3T D . 3.21 1.74 10.47
C10 V3T D . 2.27 1.39 9.32
C11 V3T D . 2.82 0.94 8.13
C12 V3T D . 1.98 0.60 7.09
C13 V3T D . 0.60 0.68 7.25
C14 V3T D . 0.06 1.12 8.44
C15 V3T D . 0.90 1.46 9.49
C16 V3T D . -0.30 0.30 6.08
N02 V3T D . 3.55 -1.12 13.59
N05 V3T D . 3.64 0.29 15.23
N08 V3T D . 2.86 1.19 11.77
O17 V3T D . 4.16 2.42 10.33
CA CA E . 12.55 -26.10 3.51
CL CL F . -5.00 -18.95 8.47
#